data_9CL8
#
_entry.id   9CL8
#
_cell.length_a   78.411
_cell.length_b   89.698
_cell.length_c   99.424
_cell.angle_alpha   90.00
_cell.angle_beta   90.00
_cell.angle_gamma   90.00
#
_symmetry.space_group_name_H-M   'P 21 21 21'
#
loop_
_entity.id
_entity.type
_entity.pdbx_description
1 polymer 'Importin subunit alpha-1'
2 polymer 'Zero net-charge nuclear localization signal'
3 non-polymer GLYCEROL
4 non-polymer 2,3-DIHYDROXY-1,4-DITHIOBUTANE
5 water water
#
loop_
_entity_poly.entity_id
_entity_poly.type
_entity_poly.pdbx_seq_one_letter_code
_entity_poly.pdbx_strand_id
1 'polypeptide(L)'
;MHHHHHHSSGLVPRGSGMKETAAAKFERQHMDSPDLGTDDDDKAMADIGSNQGTVNWSVEDIVKGINSNNLESQLQATQA
ARKLLSREKQPPIDNIIRAGLIPKFVSFLGKTDCSPIQFESAWALTNIASGTSEQTKAVVDGGAIPAFISLLASPHAHIS
EQAVWALGNIAGDGSAFRDLVIKHGAIDPLLALLAVPDLSTLACGYLRNLTWTLSNLCRNKNPAPPLDAVEQILPTLVRL
LHHNDPEVLADSCWAISYLTDGPNERIEMVVKKGVVPQLVKLLGATELPIVTPALRAIGNIVTGTDEQTQKVIDAGALAV
FPSLLTNPKTNIQKEATWTMSNITAGRQDQIQQVVNHGLVPFLVGVLSKADFKTQKEAAWAITNYTSGGTVEQIVYLVHC
GIIEPLMNLLSAKDTKIIQVILDAISNIFQAAEKLGETEKLSIMIEECGGLDKIEALQRHENESVYKASLNLIEKYFSVE
EEEDQNVVPETTSEGFAFQVQDGAPGTFNF
;
A
2 'polypeptide(L)' EVKKPKIDE C,B
#
loop_
_chem_comp.id
_chem_comp.type
_chem_comp.name
_chem_comp.formula
DTT non-polymer 2,3-DIHYDROXY-1,4-DITHIOBUTANE 'C4 H10 O2 S2'
GOL non-polymer GLYCEROL 'C3 H8 O3'
#
# COMPACT_ATOMS: atom_id res chain seq x y z
N GLY A 53 37.77 18.71 6.74
CA GLY A 53 37.78 19.15 8.16
C GLY A 53 36.71 18.45 9.01
N THR A 54 35.54 18.15 8.42
CA THR A 54 34.41 17.65 9.20
C THR A 54 34.14 16.16 8.93
N VAL A 55 35.19 15.44 8.48
CA VAL A 55 35.07 14.02 8.17
C VAL A 55 35.57 13.19 9.36
N ASN A 56 34.72 12.23 9.72
CA ASN A 56 35.06 11.20 10.69
C ASN A 56 35.48 11.83 12.01
N TRP A 57 34.76 12.83 12.53
CA TRP A 57 35.00 13.31 13.89
C TRP A 57 34.48 12.30 14.90
N SER A 58 35.02 12.39 16.12
CA SER A 58 34.52 11.63 17.24
C SER A 58 33.31 12.36 17.79
N VAL A 59 32.48 11.63 18.55
CA VAL A 59 31.29 12.23 19.14
C VAL A 59 31.73 13.24 20.18
N GLU A 60 32.80 12.89 20.86
CA GLU A 60 33.40 13.76 21.86
C GLU A 60 33.81 15.12 21.25
N ASP A 61 34.44 15.08 20.08
CA ASP A 61 34.80 16.32 19.37
C ASP A 61 33.57 17.09 18.91
N ILE A 62 32.53 16.37 18.46
CA ILE A 62 31.32 17.05 18.03
C ILE A 62 30.76 17.79 19.20
N VAL A 63 30.78 17.15 20.36
CA VAL A 63 30.16 17.71 21.53
C VAL A 63 30.90 18.99 21.95
N LYS A 64 32.24 18.90 21.91
CA LYS A 64 33.07 20.03 22.33
C LYS A 64 32.78 21.26 21.45
N GLY A 65 32.62 21.05 20.16
CA GLY A 65 32.36 22.14 19.23
C GLY A 65 30.99 22.75 19.47
N ILE A 66 30.00 21.84 19.64
CA ILE A 66 28.62 22.25 19.81
C ILE A 66 28.47 23.02 21.12
N ASN A 67 29.21 22.63 22.14
CA ASN A 67 29.15 23.35 23.41
C ASN A 67 30.11 24.54 23.48
N SER A 68 30.91 24.82 22.43
CA SER A 68 31.71 26.04 22.38
C SER A 68 30.77 27.24 22.39
N ASN A 69 31.29 28.42 22.65
CA ASN A 69 30.40 29.58 22.55
C ASN A 69 30.53 30.29 21.19
N ASN A 70 30.77 29.51 20.14
CA ASN A 70 31.22 30.03 18.86
C ASN A 70 30.34 29.39 17.79
N LEU A 71 29.51 30.20 17.16
CA LEU A 71 28.54 29.68 16.21
C LEU A 71 29.22 28.97 15.07
N GLU A 72 30.37 29.49 14.62
CA GLU A 72 31.07 28.86 13.51
CA GLU A 72 31.07 28.85 13.51
C GLU A 72 31.64 27.52 13.96
N SER A 73 32.18 27.46 15.20
CA SER A 73 32.64 26.19 15.74
C SER A 73 31.45 25.21 15.86
N GLN A 74 30.30 25.75 16.28
CA GLN A 74 29.08 24.92 16.39
C GLN A 74 28.61 24.44 15.03
N LEU A 75 28.75 25.29 14.01
CA LEU A 75 28.36 24.92 12.68
C LEU A 75 29.23 23.78 12.17
N GLN A 76 30.54 23.88 12.39
CA GLN A 76 31.43 22.84 11.90
C GLN A 76 31.14 21.52 12.61
N ALA A 77 30.92 21.57 13.92
CA ALA A 77 30.65 20.33 14.63
C ALA A 77 29.28 19.73 14.20
N THR A 78 28.29 20.58 13.90
CA THR A 78 26.99 20.10 13.44
C THR A 78 27.12 19.39 12.10
N GLN A 79 27.91 19.98 11.21
CA GLN A 79 28.20 19.33 9.94
C GLN A 79 28.95 18.03 10.16
N ALA A 80 29.90 17.99 11.09
CA ALA A 80 30.60 16.74 11.37
C ALA A 80 29.60 15.67 11.82
N ALA A 81 28.67 16.04 12.70
CA ALA A 81 27.57 15.16 13.11
C ALA A 81 26.72 14.70 11.93
N ARG A 82 26.39 15.60 11.00
CA ARG A 82 25.58 15.25 9.85
C ARG A 82 26.30 14.18 9.01
N LYS A 83 27.61 14.33 8.89
CA LYS A 83 28.39 13.40 8.09
C LYS A 83 28.46 12.03 8.78
N LEU A 84 28.65 12.00 10.10
CA LEU A 84 28.55 10.74 10.86
C LEU A 84 27.20 10.05 10.60
N LEU A 85 26.12 10.85 10.70
CA LEU A 85 24.75 10.35 10.65
C LEU A 85 24.34 10.00 9.23
N SER A 86 25.14 10.39 8.23
CA SER A 86 24.84 10.20 6.83
CA SER A 86 24.78 10.16 6.85
C SER A 86 25.60 9.01 6.26
N ARG A 87 26.40 8.34 7.10
CA ARG A 87 27.14 7.16 6.66
C ARG A 87 26.22 5.93 6.69
N GLU A 88 26.30 5.10 5.66
CA GLU A 88 25.36 3.98 5.48
C GLU A 88 25.68 2.85 6.46
N LYS A 89 26.94 2.77 6.88
CA LYS A 89 27.41 1.75 7.79
C LYS A 89 27.16 2.19 9.24
N GLN A 90 26.10 1.64 9.83
CA GLN A 90 25.89 1.73 11.27
C GLN A 90 26.02 3.17 11.76
N PRO A 91 25.21 4.14 11.28
CA PRO A 91 25.34 5.53 11.73
C PRO A 91 25.15 5.58 13.23
N PRO A 92 25.99 6.31 14.00
CA PRO A 92 25.91 6.26 15.45
C PRO A 92 24.78 7.09 16.06
N ILE A 93 23.53 6.73 15.74
CA ILE A 93 22.42 7.54 16.18
C ILE A 93 22.36 7.57 17.71
N ASP A 94 22.48 6.38 18.36
CA ASP A 94 22.25 6.32 19.80
C ASP A 94 23.35 7.09 20.54
N ASN A 95 24.58 7.00 20.03
CA ASN A 95 25.67 7.78 20.64
C ASN A 95 25.44 9.29 20.55
N ILE A 96 24.89 9.75 19.41
CA ILE A 96 24.57 11.18 19.26
C ILE A 96 23.46 11.55 20.23
N ILE A 97 22.42 10.70 20.31
CA ILE A 97 21.34 10.97 21.27
C ILE A 97 21.89 11.02 22.69
N ARG A 98 22.65 9.98 23.06
CA ARG A 98 23.19 9.85 24.41
C ARG A 98 24.09 11.03 24.73
N ALA A 99 24.78 11.59 23.72
CA ALA A 99 25.60 12.77 23.97
C ALA A 99 24.75 14.00 24.26
N GLY A 100 23.41 13.89 24.14
CA GLY A 100 22.59 15.03 24.52
C GLY A 100 22.48 16.07 23.40
N LEU A 101 22.76 15.73 22.14
CA LEU A 101 22.85 16.71 21.06
C LEU A 101 21.52 17.18 20.48
N ILE A 102 20.43 16.41 20.68
CA ILE A 102 19.19 16.73 19.97
C ILE A 102 18.70 18.11 20.35
N PRO A 103 18.67 18.50 21.65
CA PRO A 103 18.22 19.85 22.00
C PRO A 103 19.01 20.99 21.33
N LYS A 104 20.30 20.79 21.17
CA LYS A 104 21.17 21.75 20.50
C LYS A 104 20.81 21.86 19.02
N PHE A 105 20.68 20.72 18.33
CA PHE A 105 20.25 20.68 16.95
C PHE A 105 18.93 21.43 16.81
N VAL A 106 17.96 21.12 17.67
CA VAL A 106 16.67 21.77 17.60
C VAL A 106 16.83 23.30 17.73
N SER A 107 17.66 23.77 18.67
CA SER A 107 17.86 25.22 18.83
C SER A 107 18.47 25.80 17.56
N PHE A 108 19.33 25.04 16.90
CA PHE A 108 19.97 25.55 15.68
C PHE A 108 18.97 25.71 14.55
N LEU A 109 17.87 24.94 14.57
CA LEU A 109 16.86 25.04 13.53
C LEU A 109 16.33 26.48 13.49
N GLY A 110 16.34 27.17 14.65
CA GLY A 110 15.79 28.51 14.78
C GLY A 110 16.80 29.62 14.45
N LYS A 111 18.01 29.31 14.00
CA LYS A 111 18.97 30.38 13.76
C LYS A 111 18.83 30.95 12.34
N THR A 112 17.82 31.76 12.12
CA THR A 112 17.57 32.41 10.84
C THR A 112 18.79 33.13 10.28
N ASP A 113 19.67 33.68 11.14
CA ASP A 113 20.88 34.35 10.67
C ASP A 113 21.95 33.37 10.21
N CYS A 114 21.88 32.11 10.63
CA CYS A 114 22.89 31.18 10.16
C CYS A 114 22.24 29.99 9.44
N SER A 115 21.88 30.23 8.19
CA SER A 115 21.14 29.30 7.37
C SER A 115 21.91 27.98 7.24
N PRO A 116 23.25 27.98 7.10
CA PRO A 116 23.97 26.71 7.05
C PRO A 116 23.76 25.82 8.29
N ILE A 117 23.70 26.40 9.49
CA ILE A 117 23.54 25.59 10.69
C ILE A 117 22.09 25.09 10.75
N GLN A 118 21.15 25.85 10.21
CA GLN A 118 19.78 25.36 10.11
C GLN A 118 19.71 24.12 9.24
N PHE A 119 20.41 24.12 8.11
CA PHE A 119 20.43 23.03 7.17
C PHE A 119 21.11 21.80 7.78
N GLU A 120 22.31 21.99 8.33
CA GLU A 120 23.07 20.87 8.86
C GLU A 120 22.30 20.22 10.01
N SER A 121 21.73 21.02 10.92
CA SER A 121 20.94 20.52 12.03
CA SER A 121 20.93 20.54 12.03
C SER A 121 19.71 19.78 11.52
N ALA A 122 19.05 20.35 10.50
CA ALA A 122 17.86 19.73 9.91
C ALA A 122 18.21 18.36 9.34
N TRP A 123 19.32 18.28 8.62
CA TRP A 123 19.74 17.05 8.03
C TRP A 123 20.09 16.02 9.13
N ALA A 124 20.85 16.45 10.13
CA ALA A 124 21.21 15.56 11.21
C ALA A 124 19.95 15.00 11.91
N LEU A 125 19.00 15.88 12.22
CA LEU A 125 17.77 15.46 12.86
C LEU A 125 16.94 14.59 11.94
N THR A 126 16.97 14.85 10.64
CA THR A 126 16.26 14.03 9.68
C THR A 126 16.74 12.60 9.84
N ASN A 127 18.05 12.41 9.99
CA ASN A 127 18.62 11.06 9.97
C ASN A 127 18.41 10.34 11.30
N ILE A 128 18.39 11.09 12.39
CA ILE A 128 18.00 10.51 13.67
C ILE A 128 16.54 10.06 13.57
N ALA A 129 15.66 10.93 13.03
CA ALA A 129 14.23 10.64 12.91
C ALA A 129 13.95 9.47 11.98
N SER A 130 14.90 9.14 11.09
CA SER A 130 14.76 8.03 10.18
C SER A 130 14.94 6.67 10.86
N GLY A 131 15.34 6.61 12.13
CA GLY A 131 15.71 5.35 12.77
C GLY A 131 14.48 4.65 13.38
N THR A 132 14.71 4.06 14.55
CA THR A 132 13.67 3.38 15.32
C THR A 132 12.64 4.37 15.84
N SER A 133 11.50 3.86 16.33
CA SER A 133 10.52 4.69 16.99
C SER A 133 11.11 5.45 18.15
N GLU A 134 11.97 4.79 18.93
CA GLU A 134 12.58 5.47 20.06
C GLU A 134 13.48 6.64 19.60
N GLN A 135 14.19 6.45 18.50
CA GLN A 135 15.02 7.50 17.94
C GLN A 135 14.14 8.64 17.43
N THR A 136 13.09 8.31 16.68
CA THR A 136 12.16 9.32 16.21
C THR A 136 11.59 10.12 17.39
N LYS A 137 11.24 9.38 18.46
CA LYS A 137 10.67 10.00 19.64
C LYS A 137 11.65 11.00 20.26
N ALA A 138 12.94 10.67 20.28
CA ALA A 138 13.92 11.60 20.86
C ALA A 138 13.87 12.92 20.08
N VAL A 139 13.67 12.85 18.75
CA VAL A 139 13.64 14.07 17.98
C VAL A 139 12.38 14.86 18.33
N VAL A 140 11.23 14.16 18.32
CA VAL A 140 10.00 14.82 18.69
C VAL A 140 10.10 15.42 20.11
N ASP A 141 10.66 14.66 21.04
CA ASP A 141 10.71 15.09 22.44
C ASP A 141 11.63 16.30 22.59
N GLY A 142 12.55 16.54 21.65
CA GLY A 142 13.34 17.78 21.71
C GLY A 142 12.61 19.01 21.16
N GLY A 143 11.34 18.87 20.77
CA GLY A 143 10.58 20.01 20.24
C GLY A 143 10.79 20.26 18.73
N ALA A 144 11.24 19.24 18.03
CA ALA A 144 11.56 19.40 16.62
C ALA A 144 10.35 19.72 15.73
N ILE A 145 9.14 19.23 16.06
CA ILE A 145 8.02 19.33 15.14
C ILE A 145 7.69 20.80 14.81
N PRO A 146 7.41 21.69 15.80
CA PRO A 146 7.14 23.08 15.47
C PRO A 146 8.32 23.78 14.81
N ALA A 147 9.53 23.38 15.16
CA ALA A 147 10.69 24.05 14.58
C ALA A 147 10.84 23.69 13.08
N PHE A 148 10.56 22.42 12.71
CA PHE A 148 10.55 22.04 11.32
C PHE A 148 9.40 22.71 10.55
N ILE A 149 8.23 22.81 11.15
CA ILE A 149 7.11 23.43 10.47
C ILE A 149 7.44 24.90 10.20
N SER A 150 8.15 25.56 11.11
CA SER A 150 8.59 26.93 10.88
C SER A 150 9.54 26.99 9.68
N LEU A 151 10.31 25.95 9.46
CA LEU A 151 11.28 26.00 8.39
C LEU A 151 10.65 25.76 7.03
N LEU A 152 9.42 25.25 6.99
CA LEU A 152 8.77 25.01 5.72
C LEU A 152 8.69 26.30 4.89
N ALA A 153 8.62 27.45 5.57
CA ALA A 153 8.54 28.76 4.93
C ALA A 153 9.92 29.36 4.65
N SER A 154 10.99 28.63 4.89
CA SER A 154 12.30 29.19 4.68
C SER A 154 12.47 29.65 3.23
N PRO A 155 13.15 30.79 2.98
CA PRO A 155 13.45 31.26 1.63
C PRO A 155 14.50 30.38 0.96
N HIS A 156 15.17 29.54 1.73
CA HIS A 156 16.15 28.64 1.17
C HIS A 156 15.49 27.30 0.88
N ALA A 157 15.49 26.92 -0.39
CA ALA A 157 14.71 25.78 -0.81
C ALA A 157 15.27 24.51 -0.19
N HIS A 158 16.61 24.41 -0.10
CA HIS A 158 17.28 23.23 0.42
C HIS A 158 16.89 22.98 1.90
N ILE A 159 16.58 24.06 2.64
CA ILE A 159 16.22 24.00 4.04
C ILE A 159 14.76 23.60 4.17
N SER A 160 13.86 24.22 3.39
CA SER A 160 12.45 23.86 3.36
CA SER A 160 12.46 23.85 3.40
C SER A 160 12.33 22.37 3.03
N GLU A 161 13.06 21.94 2.00
CA GLU A 161 13.02 20.55 1.60
C GLU A 161 13.48 19.66 2.76
N GLN A 162 14.52 20.06 3.49
CA GLN A 162 15.02 19.22 4.58
C GLN A 162 13.95 19.07 5.67
N ALA A 163 13.20 20.14 5.92
CA ALA A 163 12.18 20.16 6.91
C ALA A 163 11.02 19.28 6.43
N VAL A 164 10.73 19.30 5.13
CA VAL A 164 9.71 18.40 4.58
C VAL A 164 10.10 16.94 4.88
N TRP A 165 11.36 16.61 4.62
CA TRP A 165 11.90 15.28 4.76
C TRP A 165 11.80 14.84 6.22
N ALA A 166 12.23 15.73 7.14
CA ALA A 166 12.23 15.39 8.54
C ALA A 166 10.80 15.12 9.02
N LEU A 167 9.83 15.94 8.58
CA LEU A 167 8.46 15.76 9.02
C LEU A 167 7.89 14.44 8.44
N GLY A 168 8.30 14.07 7.23
CA GLY A 168 7.93 12.80 6.62
C GLY A 168 8.39 11.62 7.47
N ASN A 169 9.61 11.68 7.99
CA ASN A 169 10.12 10.62 8.86
C ASN A 169 9.36 10.59 10.19
N ILE A 170 9.05 11.75 10.76
CA ILE A 170 8.27 11.81 11.98
C ILE A 170 6.88 11.24 11.75
N ALA A 171 6.15 11.78 10.80
CA ALA A 171 4.83 11.29 10.47
C ALA A 171 4.84 9.81 10.16
N GLY A 172 5.89 9.33 9.47
CA GLY A 172 5.98 7.95 9.02
C GLY A 172 6.18 6.95 10.15
N ASP A 173 6.46 7.44 11.36
CA ASP A 173 6.63 6.55 12.49
C ASP A 173 5.31 5.86 12.84
N GLY A 174 4.16 6.48 12.67
CA GLY A 174 2.94 5.88 13.18
C GLY A 174 1.85 6.93 13.32
N SER A 175 0.65 6.48 13.69
CA SER A 175 -0.55 7.30 13.71
CA SER A 175 -0.53 7.33 13.66
C SER A 175 -0.40 8.46 14.68
N ALA A 176 0.23 8.18 15.83
CA ALA A 176 0.25 9.20 16.87
C ALA A 176 1.15 10.37 16.44
N PHE A 177 2.35 10.10 15.91
CA PHE A 177 3.22 11.19 15.48
C PHE A 177 2.64 11.85 14.22
N ARG A 178 2.02 11.06 13.32
CA ARG A 178 1.36 11.59 12.15
C ARG A 178 0.37 12.67 12.60
N ASP A 179 -0.47 12.30 13.57
CA ASP A 179 -1.53 13.15 14.04
C ASP A 179 -0.99 14.33 14.82
N LEU A 180 0.16 14.15 15.49
CA LEU A 180 0.78 15.28 16.19
C LEU A 180 1.39 16.28 15.21
N VAL A 181 2.00 15.79 14.12
CA VAL A 181 2.45 16.64 13.06
C VAL A 181 1.30 17.47 12.51
N ILE A 182 0.15 16.82 12.30
CA ILE A 182 -1.02 17.50 11.78
C ILE A 182 -1.52 18.55 12.78
N LYS A 183 -1.56 18.22 14.07
CA LYS A 183 -2.05 19.15 15.08
C LYS A 183 -1.15 20.40 15.20
N HIS A 184 0.15 20.23 14.96
CA HIS A 184 1.04 21.37 14.96
C HIS A 184 0.90 22.23 13.68
N GLY A 185 0.03 21.86 12.74
CA GLY A 185 -0.27 22.72 11.63
C GLY A 185 0.62 22.49 10.41
N ALA A 186 1.10 21.25 10.20
CA ALA A 186 2.00 21.03 9.08
C ALA A 186 1.30 21.12 7.73
N ILE A 187 0.02 20.80 7.62
CA ILE A 187 -0.52 20.53 6.31
C ILE A 187 -0.59 21.83 5.48
N ASP A 188 -1.05 22.94 6.06
CA ASP A 188 -1.20 24.19 5.31
C ASP A 188 0.12 24.61 4.66
N PRO A 189 1.22 24.73 5.42
CA PRO A 189 2.50 25.08 4.80
C PRO A 189 3.01 24.05 3.78
N LEU A 190 2.76 22.75 4.01
CA LEU A 190 3.19 21.76 3.03
C LEU A 190 2.43 22.00 1.73
N LEU A 191 1.12 22.20 1.82
CA LEU A 191 0.36 22.30 0.60
C LEU A 191 0.68 23.62 -0.11
N ALA A 192 1.02 24.65 0.65
CA ALA A 192 1.39 25.93 0.06
C ALA A 192 2.62 25.76 -0.83
N LEU A 193 3.52 24.82 -0.50
CA LEU A 193 4.71 24.63 -1.32
C LEU A 193 4.35 24.08 -2.69
N LEU A 194 3.22 23.40 -2.83
CA LEU A 194 2.80 22.82 -4.10
C LEU A 194 1.75 23.69 -4.78
N ALA A 195 1.46 24.89 -4.26
CA ALA A 195 0.42 25.74 -4.85
C ALA A 195 1.04 26.58 -5.96
N VAL A 196 1.41 25.90 -7.04
CA VAL A 196 2.05 26.50 -8.20
C VAL A 196 1.21 26.15 -9.43
N PRO A 197 1.21 26.97 -10.49
CA PRO A 197 0.41 26.68 -11.69
C PRO A 197 0.81 25.37 -12.34
N ASP A 198 2.10 25.07 -12.33
CA ASP A 198 2.59 23.87 -12.97
C ASP A 198 3.71 23.23 -12.13
N LEU A 199 3.42 22.00 -11.66
CA LEU A 199 4.29 21.20 -10.80
C LEU A 199 5.67 20.99 -11.45
N SER A 200 5.72 21.00 -12.79
CA SER A 200 6.94 20.80 -13.57
C SER A 200 8.01 21.86 -13.30
N THR A 201 7.63 23.04 -12.78
CA THR A 201 8.60 24.07 -12.46
C THR A 201 9.34 23.75 -11.17
N LEU A 202 8.85 22.83 -10.32
CA LEU A 202 9.53 22.54 -9.06
C LEU A 202 10.70 21.61 -9.34
N ALA A 203 11.79 21.75 -8.58
CA ALA A 203 12.85 20.75 -8.62
C ALA A 203 12.28 19.37 -8.30
N CYS A 204 12.81 18.37 -8.99
CA CYS A 204 12.31 17.03 -9.03
C CYS A 204 12.43 16.39 -7.64
N GLY A 205 13.59 16.59 -7.00
CA GLY A 205 13.87 15.99 -5.70
C GLY A 205 12.97 16.55 -4.62
N TYR A 206 12.74 17.87 -4.71
CA TYR A 206 11.87 18.59 -3.79
C TYR A 206 10.43 18.08 -3.92
N LEU A 207 9.91 17.97 -5.16
CA LEU A 207 8.56 17.50 -5.41
C LEU A 207 8.36 16.07 -4.94
N ARG A 208 9.35 15.22 -5.20
CA ARG A 208 9.33 13.85 -4.74
C ARG A 208 9.29 13.76 -3.21
N ASN A 209 10.06 14.61 -2.53
CA ASN A 209 10.05 14.63 -1.08
C ASN A 209 8.70 15.11 -0.55
N LEU A 210 8.13 16.14 -1.17
CA LEU A 210 6.84 16.63 -0.73
C LEU A 210 5.80 15.54 -0.90
N THR A 211 5.82 14.86 -2.05
CA THR A 211 4.84 13.81 -2.31
C THR A 211 4.95 12.70 -1.25
N TRP A 212 6.18 12.27 -0.98
CA TRP A 212 6.46 11.23 -0.01
C TRP A 212 5.97 11.62 1.38
N THR A 213 6.27 12.85 1.82
CA THR A 213 5.82 13.30 3.13
C THR A 213 4.29 13.29 3.19
N LEU A 214 3.64 13.83 2.15
CA LEU A 214 2.18 13.86 2.14
C LEU A 214 1.62 12.45 2.21
N SER A 215 2.31 11.51 1.55
CA SER A 215 1.86 10.13 1.58
C SER A 215 1.94 9.60 3.01
N ASN A 216 2.99 9.96 3.78
CA ASN A 216 3.07 9.53 5.17
C ASN A 216 1.97 10.15 6.05
N LEU A 217 1.48 11.36 5.71
CA LEU A 217 0.39 11.96 6.46
C LEU A 217 -0.93 11.27 6.15
N CYS A 218 -0.97 10.51 5.05
CA CYS A 218 -2.16 9.75 4.67
C CYS A 218 -2.11 8.33 5.21
N ARG A 219 -0.95 7.93 5.73
CA ARG A 219 -0.67 6.55 6.06
C ARG A 219 -1.07 6.21 7.49
N ASN A 220 -1.34 4.90 7.70
CA ASN A 220 -1.60 4.21 8.96
C ASN A 220 -3.07 4.28 9.36
N LYS A 221 -3.41 3.37 10.26
CA LYS A 221 -4.79 3.15 10.70
C LYS A 221 -4.80 2.95 12.21
N ASN A 222 -6.00 2.84 12.76
CA ASN A 222 -6.09 2.70 14.22
C ASN A 222 -5.40 3.85 14.91
N PRO A 223 -5.82 5.10 14.71
CA PRO A 223 -6.83 5.43 13.72
C PRO A 223 -6.22 5.88 12.39
N ALA A 224 -7.13 5.97 11.43
CA ALA A 224 -6.88 6.59 10.16
C ALA A 224 -6.69 8.09 10.37
N PRO A 225 -6.14 8.81 9.38
CA PRO A 225 -5.86 10.23 9.56
C PRO A 225 -7.19 10.98 9.76
N PRO A 226 -7.14 12.19 10.35
CA PRO A 226 -8.35 12.97 10.59
C PRO A 226 -9.07 13.26 9.29
N LEU A 227 -10.40 13.08 9.29
CA LEU A 227 -11.19 13.26 8.06
C LEU A 227 -10.93 14.61 7.42
N ASP A 228 -10.87 15.67 8.23
CA ASP A 228 -10.62 17.00 7.70
C ASP A 228 -9.22 17.16 7.10
N ALA A 229 -8.20 16.46 7.64
CA ALA A 229 -6.85 16.49 7.06
C ALA A 229 -6.86 15.79 5.70
N VAL A 230 -7.60 14.70 5.59
CA VAL A 230 -7.71 13.97 4.35
C VAL A 230 -8.40 14.85 3.30
N GLU A 231 -9.49 15.53 3.68
CA GLU A 231 -10.20 16.39 2.73
C GLU A 231 -9.30 17.52 2.28
N GLN A 232 -8.46 18.02 3.18
CA GLN A 232 -7.57 19.12 2.85
C GLN A 232 -6.49 18.65 1.88
N ILE A 233 -5.97 17.42 2.06
CA ILE A 233 -4.84 16.95 1.27
C ILE A 233 -5.30 16.49 -0.12
N LEU A 234 -6.48 15.87 -0.22
CA LEU A 234 -6.89 15.12 -1.41
C LEU A 234 -6.79 15.91 -2.71
N PRO A 235 -7.21 17.18 -2.80
CA PRO A 235 -7.09 17.93 -4.05
C PRO A 235 -5.64 18.06 -4.57
N THR A 236 -4.66 18.14 -3.64
CA THR A 236 -3.26 18.22 -4.07
C THR A 236 -2.82 16.84 -4.54
N LEU A 237 -3.27 15.81 -3.82
CA LEU A 237 -2.93 14.46 -4.21
C LEU A 237 -3.48 14.15 -5.60
N VAL A 238 -4.71 14.58 -5.90
CA VAL A 238 -5.28 14.33 -7.22
C VAL A 238 -4.41 14.94 -8.31
N ARG A 239 -3.83 16.11 -8.03
CA ARG A 239 -2.98 16.81 -8.97
CA ARG A 239 -2.98 16.80 -8.98
C ARG A 239 -1.67 16.05 -9.15
N LEU A 240 -1.12 15.54 -8.03
CA LEU A 240 0.17 14.84 -8.11
C LEU A 240 0.00 13.52 -8.85
N LEU A 241 -1.20 12.92 -8.75
CA LEU A 241 -1.47 11.68 -9.45
C LEU A 241 -1.47 11.85 -10.98
N HIS A 242 -1.57 13.12 -11.44
CA HIS A 242 -1.51 13.44 -12.87
C HIS A 242 -0.12 13.95 -13.29
N HIS A 243 0.82 13.97 -12.37
CA HIS A 243 2.17 14.44 -12.69
C HIS A 243 2.94 13.35 -13.47
N ASN A 244 3.97 13.71 -14.22
CA ASN A 244 4.58 12.76 -15.14
C ASN A 244 5.81 12.06 -14.54
N ASP A 245 6.22 12.36 -13.31
CA ASP A 245 7.38 11.71 -12.71
C ASP A 245 6.99 10.37 -12.12
N PRO A 246 7.70 9.28 -12.44
CA PRO A 246 7.35 7.96 -11.96
C PRO A 246 7.35 7.82 -10.43
N GLU A 247 8.29 8.46 -9.74
CA GLU A 247 8.37 8.42 -8.30
C GLU A 247 7.24 9.21 -7.64
N VAL A 248 6.84 10.37 -8.19
CA VAL A 248 5.70 11.11 -7.68
C VAL A 248 4.42 10.28 -7.85
N LEU A 249 4.27 9.68 -9.03
CA LEU A 249 3.13 8.80 -9.32
C LEU A 249 3.08 7.64 -8.33
N ALA A 250 4.21 6.99 -8.12
CA ALA A 250 4.26 5.86 -7.18
C ALA A 250 3.78 6.29 -5.80
N ASP A 251 4.35 7.37 -5.29
CA ASP A 251 4.01 7.79 -3.94
C ASP A 251 2.58 8.31 -3.83
N SER A 252 2.10 8.97 -4.91
CA SER A 252 0.73 9.45 -4.98
C SER A 252 -0.24 8.27 -4.90
N CYS A 253 0.04 7.20 -5.66
CA CYS A 253 -0.73 5.97 -5.58
C CYS A 253 -0.69 5.34 -4.21
N TRP A 254 0.48 5.25 -3.56
CA TRP A 254 0.56 4.76 -2.20
C TRP A 254 -0.38 5.57 -1.29
N ALA A 255 -0.33 6.90 -1.38
CA ALA A 255 -1.20 7.74 -0.54
C ALA A 255 -2.65 7.34 -0.77
N ILE A 256 -3.05 7.19 -2.04
CA ILE A 256 -4.44 6.84 -2.36
C ILE A 256 -4.77 5.45 -1.85
N SER A 257 -3.80 4.53 -1.93
CA SER A 257 -3.99 3.19 -1.41
C SER A 257 -4.26 3.22 0.10
N TYR A 258 -3.54 4.09 0.80
CA TYR A 258 -3.74 4.19 2.23
C TYR A 258 -5.14 4.74 2.51
N LEU A 259 -5.53 5.79 1.76
CA LEU A 259 -6.78 6.48 2.03
C LEU A 259 -7.98 5.60 1.69
N THR A 260 -7.78 4.61 0.82
CA THR A 260 -8.87 3.72 0.42
C THR A 260 -8.87 2.44 1.23
N ASP A 261 -7.87 2.27 2.08
CA ASP A 261 -7.79 1.12 2.97
C ASP A 261 -8.57 1.46 4.25
N GLY A 262 -9.87 1.25 4.22
CA GLY A 262 -10.71 1.60 5.34
C GLY A 262 -12.18 1.37 5.00
N PRO A 263 -13.11 1.94 5.81
CA PRO A 263 -14.55 1.75 5.59
C PRO A 263 -15.02 2.48 4.34
N ASN A 264 -16.24 2.13 3.91
CA ASN A 264 -16.76 2.61 2.63
C ASN A 264 -16.75 4.12 2.55
N GLU A 265 -16.93 4.78 3.69
CA GLU A 265 -16.99 6.24 3.72
C GLU A 265 -15.64 6.84 3.34
N ARG A 266 -14.53 6.21 3.79
CA ARG A 266 -13.20 6.66 3.39
C ARG A 266 -12.96 6.46 1.89
N ILE A 267 -13.35 5.28 1.38
CA ILE A 267 -13.25 5.01 -0.07
C ILE A 267 -13.99 6.08 -0.85
N GLU A 268 -15.18 6.41 -0.35
CA GLU A 268 -16.05 7.32 -1.07
C GLU A 268 -15.43 8.70 -1.20
N MET A 269 -14.77 9.15 -0.15
CA MET A 269 -14.09 10.44 -0.19
C MET A 269 -13.14 10.52 -1.39
N VAL A 270 -12.43 9.41 -1.65
CA VAL A 270 -11.46 9.33 -2.75
C VAL A 270 -12.20 9.19 -4.08
N VAL A 271 -13.11 8.21 -4.15
CA VAL A 271 -13.78 7.90 -5.41
C VAL A 271 -14.55 9.13 -5.89
N LYS A 272 -15.16 9.88 -4.94
CA LYS A 272 -15.87 11.10 -5.31
C LYS A 272 -14.94 12.12 -5.98
N LYS A 273 -13.61 12.07 -5.80
CA LYS A 273 -12.74 13.05 -6.44
C LYS A 273 -12.41 12.70 -7.90
N GLY A 274 -12.95 11.58 -8.39
CA GLY A 274 -12.84 11.24 -9.79
C GLY A 274 -11.49 10.62 -10.18
N VAL A 275 -10.76 10.02 -9.23
CA VAL A 275 -9.41 9.51 -9.47
C VAL A 275 -9.42 8.11 -10.10
N VAL A 276 -10.56 7.40 -10.08
CA VAL A 276 -10.55 5.99 -10.46
C VAL A 276 -10.04 5.80 -11.90
N PRO A 277 -10.49 6.57 -12.92
CA PRO A 277 -9.88 6.51 -14.26
C PRO A 277 -8.37 6.70 -14.29
N GLN A 278 -7.83 7.62 -13.48
CA GLN A 278 -6.40 7.83 -13.50
C GLN A 278 -5.71 6.61 -12.87
N LEU A 279 -6.34 6.03 -11.85
CA LEU A 279 -5.76 4.85 -11.21
C LEU A 279 -5.71 3.66 -12.18
N VAL A 280 -6.78 3.48 -12.97
CA VAL A 280 -6.85 2.42 -13.98
C VAL A 280 -5.78 2.66 -15.03
N LYS A 281 -5.55 3.92 -15.40
CA LYS A 281 -4.47 4.20 -16.32
C LYS A 281 -3.13 3.76 -15.72
N LEU A 282 -2.89 4.10 -14.46
CA LEU A 282 -1.60 3.79 -13.84
C LEU A 282 -1.45 2.28 -13.66
N LEU A 283 -2.59 1.57 -13.57
CA LEU A 283 -2.62 0.12 -13.47
C LEU A 283 -1.98 -0.53 -14.69
N GLY A 284 -1.97 0.20 -15.83
CA GLY A 284 -1.32 -0.27 -17.04
C GLY A 284 0.09 0.27 -17.24
N ALA A 285 0.66 0.96 -16.26
CA ALA A 285 2.00 1.50 -16.43
C ALA A 285 3.03 0.39 -16.56
N THR A 286 4.19 0.75 -17.12
CA THR A 286 5.27 -0.21 -17.31
CA THR A 286 5.29 -0.19 -17.32
C THR A 286 6.07 -0.36 -16.02
N GLU A 287 6.11 0.71 -15.21
CA GLU A 287 6.88 0.70 -13.98
C GLU A 287 6.12 -0.05 -12.87
N LEU A 288 6.74 -1.11 -12.37
CA LEU A 288 6.17 -1.91 -11.32
C LEU A 288 5.95 -1.10 -10.04
N PRO A 289 6.84 -0.16 -9.64
CA PRO A 289 6.60 0.67 -8.46
C PRO A 289 5.35 1.54 -8.56
N ILE A 290 4.79 1.68 -9.77
CA ILE A 290 3.53 2.37 -9.96
C ILE A 290 2.40 1.35 -9.95
N VAL A 291 2.58 0.22 -10.65
CA VAL A 291 1.50 -0.74 -10.77
C VAL A 291 1.14 -1.27 -9.39
N THR A 292 2.15 -1.54 -8.55
CA THR A 292 1.90 -2.10 -7.25
C THR A 292 0.91 -1.26 -6.44
N PRO A 293 1.16 0.05 -6.17
CA PRO A 293 0.23 0.81 -5.37
C PRO A 293 -1.07 1.14 -6.09
N ALA A 294 -1.04 1.30 -7.41
CA ALA A 294 -2.26 1.50 -8.18
C ALA A 294 -3.19 0.31 -8.04
N LEU A 295 -2.65 -0.90 -8.11
CA LEU A 295 -3.46 -2.10 -7.97
C LEU A 295 -3.97 -2.26 -6.53
N ARG A 296 -3.14 -1.96 -5.52
CA ARG A 296 -3.57 -1.97 -4.13
C ARG A 296 -4.76 -1.00 -3.97
N ALA A 297 -4.68 0.21 -4.56
CA ALA A 297 -5.74 1.18 -4.44
C ALA A 297 -7.03 0.65 -5.09
N ILE A 298 -6.91 0.12 -6.30
CA ILE A 298 -8.07 -0.44 -6.98
C ILE A 298 -8.68 -1.59 -6.21
N GLY A 299 -7.83 -2.45 -5.65
CA GLY A 299 -8.23 -3.56 -4.82
C GLY A 299 -9.02 -3.09 -3.59
N ASN A 300 -8.53 -2.01 -2.96
CA ASN A 300 -9.16 -1.49 -1.77
C ASN A 300 -10.54 -0.95 -2.16
N ILE A 301 -10.61 -0.27 -3.30
CA ILE A 301 -11.86 0.34 -3.74
C ILE A 301 -12.94 -0.72 -3.95
N VAL A 302 -12.58 -1.89 -4.50
CA VAL A 302 -13.61 -2.88 -4.82
C VAL A 302 -13.98 -3.66 -3.57
N THR A 303 -13.35 -3.38 -2.40
CA THR A 303 -13.88 -3.89 -1.16
C THR A 303 -15.05 -3.02 -0.66
N GLY A 304 -15.34 -1.91 -1.29
CA GLY A 304 -16.44 -1.05 -0.88
C GLY A 304 -17.80 -1.57 -1.34
N THR A 305 -18.63 -0.64 -1.81
CA THR A 305 -19.99 -0.94 -2.22
C THR A 305 -19.92 -1.46 -3.66
N ASP A 306 -21.03 -2.10 -4.07
CA ASP A 306 -21.21 -2.52 -5.44
C ASP A 306 -21.14 -1.32 -6.35
N GLU A 307 -21.60 -0.15 -5.89
CA GLU A 307 -21.54 1.07 -6.71
C GLU A 307 -20.09 1.60 -6.84
N GLN A 308 -19.30 1.49 -5.77
CA GLN A 308 -17.89 1.90 -5.85
C GLN A 308 -17.14 0.93 -6.78
N THR A 309 -17.46 -0.36 -6.69
CA THR A 309 -16.90 -1.37 -7.59
C THR A 309 -17.21 -1.03 -9.04
N GLN A 310 -18.43 -0.57 -9.31
CA GLN A 310 -18.85 -0.32 -10.70
C GLN A 310 -18.03 0.79 -11.32
N LYS A 311 -17.60 1.78 -10.51
CA LYS A 311 -16.74 2.86 -11.03
C LYS A 311 -15.41 2.30 -11.55
N VAL A 312 -14.84 1.32 -10.86
CA VAL A 312 -13.63 0.65 -11.31
C VAL A 312 -13.90 -0.06 -12.64
N ILE A 313 -15.01 -0.78 -12.75
CA ILE A 313 -15.35 -1.48 -13.97
C ILE A 313 -15.59 -0.48 -15.08
N ASP A 314 -16.42 0.54 -14.82
CA ASP A 314 -16.75 1.53 -15.84
C ASP A 314 -15.49 2.23 -16.32
N ALA A 315 -14.47 2.35 -15.46
CA ALA A 315 -13.26 3.05 -15.86
C ALA A 315 -12.37 2.18 -16.75
N GLY A 316 -12.69 0.89 -16.90
CA GLY A 316 -11.96 0.09 -17.89
C GLY A 316 -10.99 -0.88 -17.24
N ALA A 317 -11.13 -1.12 -15.93
CA ALA A 317 -10.11 -1.85 -15.20
C ALA A 317 -10.02 -3.30 -15.69
N LEU A 318 -11.16 -3.88 -16.07
CA LEU A 318 -11.16 -5.31 -16.32
C LEU A 318 -10.26 -5.64 -17.52
N ALA A 319 -10.08 -4.72 -18.46
CA ALA A 319 -9.26 -4.95 -19.64
C ALA A 319 -7.78 -5.16 -19.28
N VAL A 320 -7.35 -4.81 -18.08
CA VAL A 320 -5.95 -4.90 -17.69
C VAL A 320 -5.70 -6.23 -17.00
N PHE A 321 -6.76 -6.92 -16.57
CA PHE A 321 -6.57 -8.15 -15.81
C PHE A 321 -5.95 -9.30 -16.60
N PRO A 322 -6.11 -9.48 -17.91
CA PRO A 322 -5.38 -10.54 -18.60
C PRO A 322 -3.87 -10.45 -18.29
N SER A 323 -3.29 -9.22 -18.30
CA SER A 323 -1.87 -9.05 -18.01
CA SER A 323 -1.88 -9.03 -18.00
C SER A 323 -1.58 -9.19 -16.52
N LEU A 324 -2.42 -8.59 -15.65
CA LEU A 324 -2.17 -8.64 -14.20
C LEU A 324 -2.25 -10.06 -13.69
N LEU A 325 -3.17 -10.85 -14.24
CA LEU A 325 -3.38 -12.19 -13.72
C LEU A 325 -2.34 -13.17 -14.27
N THR A 326 -1.54 -12.70 -15.24
CA THR A 326 -0.41 -13.48 -15.74
C THR A 326 0.92 -12.80 -15.41
N ASN A 327 0.88 -11.78 -14.57
CA ASN A 327 2.06 -10.97 -14.36
C ASN A 327 3.14 -11.84 -13.74
N PRO A 328 4.39 -11.68 -14.20
CA PRO A 328 5.50 -12.43 -13.62
C PRO A 328 5.83 -12.06 -12.18
N LYS A 329 5.46 -10.90 -11.66
CA LYS A 329 5.65 -10.67 -10.23
C LYS A 329 4.55 -11.33 -9.43
N THR A 330 4.88 -12.28 -8.54
CA THR A 330 3.94 -13.06 -7.74
CA THR A 330 3.88 -13.05 -7.82
C THR A 330 2.93 -12.14 -7.04
N ASN A 331 3.46 -11.10 -6.39
CA ASN A 331 2.61 -10.17 -5.64
C ASN A 331 1.56 -9.45 -6.49
N ILE A 332 1.86 -9.08 -7.73
CA ILE A 332 0.88 -8.48 -8.63
C ILE A 332 -0.20 -9.52 -8.92
N GLN A 333 0.20 -10.78 -9.21
CA GLN A 333 -0.78 -11.79 -9.53
C GLN A 333 -1.70 -12.03 -8.34
N LYS A 334 -1.10 -12.14 -7.17
CA LYS A 334 -1.86 -12.33 -5.95
C LYS A 334 -2.87 -11.19 -5.74
N GLU A 335 -2.41 -9.92 -5.81
CA GLU A 335 -3.30 -8.81 -5.53
C GLU A 335 -4.35 -8.61 -6.63
N ALA A 336 -3.98 -8.93 -7.87
CA ALA A 336 -4.94 -8.90 -8.95
C ALA A 336 -6.03 -9.96 -8.69
N THR A 337 -5.65 -11.12 -8.14
CA THR A 337 -6.62 -12.18 -7.99
C THR A 337 -7.54 -11.86 -6.80
N TRP A 338 -6.96 -11.27 -5.75
CA TRP A 338 -7.72 -10.76 -4.61
C TRP A 338 -8.74 -9.72 -5.10
N THR A 339 -8.30 -8.78 -5.94
CA THR A 339 -9.18 -7.80 -6.54
C THR A 339 -10.34 -8.50 -7.27
N MET A 340 -10.04 -9.54 -8.07
CA MET A 340 -11.08 -10.26 -8.80
C MET A 340 -12.07 -10.89 -7.84
N SER A 341 -11.57 -11.47 -6.75
CA SER A 341 -12.41 -12.10 -5.74
C SER A 341 -13.46 -11.12 -5.21
N ASN A 342 -13.08 -9.84 -5.06
CA ASN A 342 -14.00 -8.84 -4.55
C ASN A 342 -14.88 -8.30 -5.66
N ILE A 343 -14.54 -8.54 -6.92
CA ILE A 343 -15.44 -8.14 -7.98
C ILE A 343 -16.46 -9.28 -8.20
N THR A 344 -16.04 -10.53 -8.02
CA THR A 344 -16.97 -11.64 -8.20
C THR A 344 -17.94 -11.77 -7.01
N ALA A 345 -17.63 -11.06 -5.91
CA ALA A 345 -18.54 -10.99 -4.77
C ALA A 345 -19.64 -9.97 -5.01
N GLY A 346 -19.67 -9.32 -6.18
CA GLY A 346 -20.64 -8.30 -6.50
C GLY A 346 -21.93 -8.84 -7.13
N ARG A 347 -22.57 -7.97 -7.89
CA ARG A 347 -23.84 -8.24 -8.52
C ARG A 347 -23.61 -9.16 -9.72
N GLN A 348 -24.69 -9.83 -10.13
CA GLN A 348 -24.71 -10.68 -11.31
C GLN A 348 -24.29 -9.91 -12.55
N ASP A 349 -24.69 -8.64 -12.69
CA ASP A 349 -24.31 -7.87 -13.86
C ASP A 349 -22.80 -7.55 -13.87
N GLN A 350 -22.17 -7.53 -12.69
CA GLN A 350 -20.74 -7.29 -12.54
C GLN A 350 -20.01 -8.60 -12.85
N ILE A 351 -20.51 -9.71 -12.31
CA ILE A 351 -20.04 -11.02 -12.72
C ILE A 351 -20.06 -11.14 -14.23
N GLN A 352 -21.08 -10.58 -14.89
CA GLN A 352 -21.23 -10.77 -16.33
C GLN A 352 -20.12 -10.02 -17.06
N GLN A 353 -19.72 -8.86 -16.52
CA GLN A 353 -18.65 -8.09 -17.10
C GLN A 353 -17.31 -8.85 -16.98
N VAL A 354 -17.13 -9.56 -15.87
CA VAL A 354 -15.98 -10.42 -15.70
C VAL A 354 -15.99 -11.47 -16.82
N VAL A 355 -17.16 -12.07 -17.06
CA VAL A 355 -17.32 -13.07 -18.10
C VAL A 355 -17.02 -12.43 -19.45
N ASN A 356 -17.62 -11.27 -19.73
CA ASN A 356 -17.47 -10.64 -21.03
C ASN A 356 -16.03 -10.24 -21.36
N HIS A 357 -15.26 -9.86 -20.35
CA HIS A 357 -13.88 -9.43 -20.52
C HIS A 357 -12.96 -10.65 -20.64
N GLY A 358 -13.53 -11.87 -20.55
CA GLY A 358 -12.75 -13.06 -20.87
C GLY A 358 -11.88 -13.49 -19.70
N LEU A 359 -12.30 -13.13 -18.47
CA LEU A 359 -11.48 -13.30 -17.30
C LEU A 359 -11.66 -14.63 -16.62
N VAL A 360 -12.71 -15.40 -16.99
CA VAL A 360 -12.90 -16.66 -16.28
C VAL A 360 -11.75 -17.62 -16.62
N PRO A 361 -11.36 -17.76 -17.90
CA PRO A 361 -10.21 -18.59 -18.27
C PRO A 361 -8.94 -18.20 -17.55
N PHE A 362 -8.78 -16.91 -17.29
CA PHE A 362 -7.62 -16.43 -16.53
C PHE A 362 -7.70 -16.84 -15.07
N LEU A 363 -8.94 -16.90 -14.49
CA LEU A 363 -9.07 -17.48 -13.14
C LEU A 363 -8.81 -18.97 -13.13
N VAL A 364 -9.28 -19.70 -14.15
CA VAL A 364 -8.93 -21.13 -14.25
C VAL A 364 -7.42 -21.30 -14.31
N GLY A 365 -6.75 -20.44 -15.11
CA GLY A 365 -5.31 -20.38 -15.16
C GLY A 365 -4.62 -20.27 -13.80
N VAL A 366 -4.98 -19.27 -12.99
CA VAL A 366 -4.37 -19.06 -11.68
CA VAL A 366 -4.34 -19.07 -11.69
C VAL A 366 -4.67 -20.23 -10.75
N LEU A 367 -5.90 -20.70 -10.78
CA LEU A 367 -6.27 -21.87 -10.00
CA LEU A 367 -6.27 -21.87 -10.00
C LEU A 367 -5.40 -23.07 -10.40
N SER A 368 -5.12 -23.21 -11.70
CA SER A 368 -4.37 -24.34 -12.18
C SER A 368 -2.91 -24.21 -11.80
N LYS A 369 -2.35 -23.01 -11.85
CA LYS A 369 -0.92 -22.92 -11.62
C LYS A 369 -0.58 -21.50 -11.21
N ALA A 370 -0.06 -21.40 -9.99
CA ALA A 370 0.31 -20.10 -9.43
C ALA A 370 0.94 -20.34 -8.07
N ASP A 371 1.52 -19.30 -7.48
CA ASP A 371 1.93 -19.38 -6.08
C ASP A 371 0.68 -19.76 -5.26
N PHE A 372 0.87 -20.54 -4.19
CA PHE A 372 -0.24 -21.05 -3.38
C PHE A 372 -1.15 -19.92 -2.88
N LYS A 373 -0.54 -18.82 -2.47
CA LYS A 373 -1.32 -17.71 -1.92
C LYS A 373 -2.21 -17.12 -3.02
N THR A 374 -1.73 -17.11 -4.28
CA THR A 374 -2.56 -16.63 -5.36
C THR A 374 -3.68 -17.64 -5.59
N GLN A 375 -3.35 -18.93 -5.57
CA GLN A 375 -4.34 -19.97 -5.80
C GLN A 375 -5.46 -19.92 -4.77
N LYS A 376 -5.12 -19.57 -3.54
CA LYS A 376 -6.12 -19.40 -2.49
C LYS A 376 -7.04 -18.20 -2.81
N GLU A 377 -6.48 -17.07 -3.28
CA GLU A 377 -7.31 -15.95 -3.72
C GLU A 377 -8.22 -16.35 -4.88
N ALA A 378 -7.73 -17.24 -5.76
CA ALA A 378 -8.52 -17.66 -6.91
C ALA A 378 -9.67 -18.53 -6.42
N ALA A 379 -9.41 -19.39 -5.47
CA ALA A 379 -10.46 -20.20 -4.84
C ALA A 379 -11.57 -19.32 -4.28
N TRP A 380 -11.17 -18.25 -3.58
CA TRP A 380 -12.13 -17.28 -3.07
C TRP A 380 -12.91 -16.68 -4.23
N ALA A 381 -12.19 -16.27 -5.28
CA ALA A 381 -12.88 -15.62 -6.39
C ALA A 381 -13.96 -16.54 -6.98
N ILE A 382 -13.70 -17.85 -7.00
CA ILE A 382 -14.64 -18.83 -7.56
C ILE A 382 -15.84 -19.03 -6.62
N THR A 383 -15.57 -19.23 -5.32
CA THR A 383 -16.65 -19.37 -4.34
C THR A 383 -17.55 -18.15 -4.37
N ASN A 384 -16.97 -16.95 -4.43
CA ASN A 384 -17.79 -15.78 -4.55
C ASN A 384 -18.63 -15.83 -5.82
N TYR A 385 -17.98 -16.14 -6.97
CA TYR A 385 -18.69 -16.12 -8.24
C TYR A 385 -19.89 -17.08 -8.16
N THR A 386 -19.63 -18.29 -7.63
CA THR A 386 -20.62 -19.35 -7.55
C THR A 386 -21.72 -19.00 -6.57
N SER A 387 -21.42 -18.27 -5.48
CA SER A 387 -22.45 -17.89 -4.52
C SER A 387 -23.37 -16.83 -5.13
N GLY A 388 -22.83 -15.89 -5.90
CA GLY A 388 -23.65 -14.78 -6.40
C GLY A 388 -24.17 -14.95 -7.83
N GLY A 389 -23.59 -15.90 -8.56
CA GLY A 389 -23.88 -15.93 -9.99
C GLY A 389 -25.20 -16.60 -10.35
N THR A 390 -25.73 -16.27 -11.53
CA THR A 390 -26.83 -17.01 -12.15
C THR A 390 -26.39 -18.40 -12.57
N VAL A 391 -27.39 -19.24 -12.92
CA VAL A 391 -27.12 -20.63 -13.29
C VAL A 391 -26.22 -20.65 -14.52
N GLU A 392 -26.56 -19.87 -15.53
CA GLU A 392 -25.84 -19.77 -16.79
C GLU A 392 -24.37 -19.36 -16.56
N GLN A 393 -24.12 -18.44 -15.61
CA GLN A 393 -22.78 -17.98 -15.28
C GLN A 393 -22.02 -19.12 -14.65
N ILE A 394 -22.69 -19.94 -13.83
CA ILE A 394 -22.02 -21.03 -13.15
C ILE A 394 -21.73 -22.17 -14.13
N VAL A 395 -22.64 -22.40 -15.07
CA VAL A 395 -22.45 -23.38 -16.12
C VAL A 395 -21.19 -23.03 -16.90
N TYR A 396 -21.09 -21.75 -17.30
CA TYR A 396 -19.97 -21.20 -18.06
C TYR A 396 -18.62 -21.53 -17.41
N LEU A 397 -18.59 -21.43 -16.09
CA LEU A 397 -17.39 -21.65 -15.31
C LEU A 397 -16.95 -23.09 -15.46
N VAL A 398 -17.94 -24.03 -15.41
CA VAL A 398 -17.60 -25.42 -15.60
C VAL A 398 -17.11 -25.63 -17.03
N HIS A 399 -17.75 -25.01 -18.02
CA HIS A 399 -17.32 -25.12 -19.41
C HIS A 399 -15.93 -24.53 -19.65
N CYS A 400 -15.46 -23.60 -18.79
CA CYS A 400 -14.12 -23.05 -18.90
C CYS A 400 -13.08 -23.96 -18.29
N GLY A 401 -13.53 -25.00 -17.55
CA GLY A 401 -12.63 -25.99 -17.00
C GLY A 401 -12.27 -25.78 -15.54
N ILE A 402 -13.18 -25.21 -14.74
CA ILE A 402 -12.86 -24.93 -13.34
C ILE A 402 -12.73 -26.20 -12.50
N ILE A 403 -13.41 -27.30 -12.86
CA ILE A 403 -13.54 -28.43 -11.95
C ILE A 403 -12.19 -29.08 -11.69
N GLU A 404 -11.46 -29.47 -12.73
CA GLU A 404 -10.25 -30.22 -12.45
C GLU A 404 -9.29 -29.41 -11.56
N PRO A 405 -8.92 -28.14 -11.89
CA PRO A 405 -8.03 -27.42 -10.99
C PRO A 405 -8.58 -27.24 -9.56
N LEU A 406 -9.89 -27.04 -9.41
CA LEU A 406 -10.47 -26.93 -8.07
C LEU A 406 -10.22 -28.20 -7.27
N MET A 407 -10.51 -29.35 -7.90
CA MET A 407 -10.28 -30.65 -7.32
C MET A 407 -8.82 -30.86 -6.94
N ASN A 408 -7.87 -30.46 -7.80
CA ASN A 408 -6.47 -30.63 -7.49
C ASN A 408 -6.07 -29.86 -6.23
N LEU A 409 -6.79 -28.78 -5.93
CA LEU A 409 -6.45 -27.97 -4.77
C LEU A 409 -7.02 -28.55 -3.47
N LEU A 410 -7.86 -29.59 -3.56
CA LEU A 410 -8.42 -30.20 -2.38
C LEU A 410 -7.36 -31.03 -1.65
N SER A 411 -6.18 -31.16 -2.23
CA SER A 411 -5.12 -31.89 -1.57
C SER A 411 -4.22 -30.94 -0.78
N ALA A 412 -4.59 -29.65 -0.74
CA ALA A 412 -3.78 -28.68 -0.03
C ALA A 412 -3.93 -28.90 1.47
N LYS A 413 -2.87 -28.52 2.21
CA LYS A 413 -2.84 -28.63 3.67
C LYS A 413 -3.30 -27.32 4.29
N ASP A 414 -4.32 -26.70 3.70
CA ASP A 414 -4.87 -25.47 4.25
C ASP A 414 -6.37 -25.70 4.44
N THR A 415 -6.83 -25.59 5.69
CA THR A 415 -8.19 -25.94 6.03
C THR A 415 -9.12 -24.95 5.36
N LYS A 416 -8.72 -23.67 5.40
CA LYS A 416 -9.59 -22.63 4.92
C LYS A 416 -9.81 -22.78 3.41
N ILE A 417 -8.78 -23.17 2.65
CA ILE A 417 -8.98 -23.27 1.20
C ILE A 417 -9.87 -24.47 0.90
N ILE A 418 -9.76 -25.53 1.71
CA ILE A 418 -10.60 -26.71 1.51
C ILE A 418 -12.07 -26.32 1.71
N GLN A 419 -12.34 -25.55 2.76
CA GLN A 419 -13.70 -25.12 3.02
C GLN A 419 -14.23 -24.30 1.85
N VAL A 420 -13.37 -23.41 1.31
CA VAL A 420 -13.73 -22.53 0.20
C VAL A 420 -14.10 -23.37 -1.03
N ILE A 421 -13.28 -24.37 -1.34
CA ILE A 421 -13.51 -25.17 -2.53
C ILE A 421 -14.79 -25.99 -2.35
N LEU A 422 -14.96 -26.59 -1.17
CA LEU A 422 -16.14 -27.39 -0.86
C LEU A 422 -17.40 -26.54 -1.00
N ASP A 423 -17.34 -25.29 -0.51
CA ASP A 423 -18.46 -24.38 -0.71
C ASP A 423 -18.72 -24.18 -2.20
N ALA A 424 -17.65 -24.01 -2.98
CA ALA A 424 -17.85 -23.72 -4.40
C ALA A 424 -18.53 -24.90 -5.08
N ILE A 425 -18.08 -26.12 -4.75
CA ILE A 425 -18.65 -27.36 -5.31
C ILE A 425 -20.15 -27.41 -5.02
N SER A 426 -20.51 -27.09 -3.78
CA SER A 426 -21.90 -27.13 -3.37
C SER A 426 -22.70 -26.18 -4.24
N ASN A 427 -22.17 -24.98 -4.45
CA ASN A 427 -22.89 -24.01 -5.25
C ASN A 427 -23.02 -24.48 -6.69
N ILE A 428 -22.01 -25.18 -7.19
CA ILE A 428 -22.02 -25.59 -8.59
C ILE A 428 -23.06 -26.72 -8.73
N PHE A 429 -23.06 -27.65 -7.78
CA PHE A 429 -24.04 -28.73 -7.73
C PHE A 429 -25.46 -28.17 -7.65
N GLN A 430 -25.63 -27.13 -6.84
CA GLN A 430 -26.94 -26.49 -6.74
C GLN A 430 -27.40 -25.99 -8.09
N ALA A 431 -26.50 -25.34 -8.86
CA ALA A 431 -26.89 -24.83 -10.16
C ALA A 431 -27.24 -25.99 -11.09
N ALA A 432 -26.50 -27.10 -10.95
CA ALA A 432 -26.73 -28.25 -11.80
C ALA A 432 -28.07 -28.92 -11.43
N GLU A 433 -28.41 -28.95 -10.13
CA GLU A 433 -29.70 -29.46 -9.67
C GLU A 433 -30.84 -28.74 -10.35
N LYS A 434 -30.73 -27.42 -10.54
CA LYS A 434 -31.78 -26.67 -11.21
C LYS A 434 -31.84 -27.01 -12.69
N LEU A 435 -30.78 -27.62 -13.23
CA LEU A 435 -30.75 -27.95 -14.65
C LEU A 435 -30.95 -29.44 -14.87
N GLY A 436 -30.93 -30.25 -13.79
CA GLY A 436 -31.07 -31.69 -13.86
C GLY A 436 -29.79 -32.38 -14.33
N GLU A 437 -28.64 -31.80 -13.99
CA GLU A 437 -27.37 -32.25 -14.56
C GLU A 437 -26.43 -32.66 -13.44
N THR A 438 -26.98 -32.96 -12.27
CA THR A 438 -26.13 -33.33 -11.15
C THR A 438 -25.17 -34.48 -11.50
N GLU A 439 -25.66 -35.47 -12.25
CA GLU A 439 -24.88 -36.66 -12.62
C GLU A 439 -23.69 -36.29 -13.53
N LYS A 440 -23.90 -35.40 -14.51
CA LYS A 440 -22.84 -34.99 -15.41
C LYS A 440 -21.67 -34.43 -14.60
N LEU A 441 -22.01 -33.67 -13.56
CA LEU A 441 -21.00 -33.04 -12.71
C LEU A 441 -20.31 -34.10 -11.86
N SER A 442 -21.12 -34.99 -11.25
CA SER A 442 -20.60 -36.06 -10.42
C SER A 442 -19.56 -36.85 -11.19
N ILE A 443 -19.89 -37.16 -12.45
CA ILE A 443 -19.00 -37.95 -13.30
C ILE A 443 -17.70 -37.17 -13.50
N MET A 444 -17.82 -35.90 -13.90
CA MET A 444 -16.67 -35.04 -14.15
C MET A 444 -15.74 -35.05 -12.95
N ILE A 445 -16.33 -34.88 -11.77
CA ILE A 445 -15.57 -34.81 -10.54
C ILE A 445 -14.88 -36.15 -10.31
N GLU A 446 -15.61 -37.24 -10.58
CA GLU A 446 -15.07 -38.58 -10.41
C GLU A 446 -13.89 -38.80 -11.36
N GLU A 447 -14.06 -38.42 -12.63
CA GLU A 447 -13.07 -38.74 -13.65
C GLU A 447 -11.76 -38.01 -13.42
N CYS A 448 -11.79 -36.83 -12.78
CA CYS A 448 -10.55 -36.10 -12.59
C CYS A 448 -9.92 -36.44 -11.24
N GLY A 449 -10.52 -37.36 -10.48
CA GLY A 449 -9.93 -37.80 -9.22
C GLY A 449 -10.51 -37.05 -8.03
N GLY A 450 -11.61 -36.33 -8.25
CA GLY A 450 -12.17 -35.42 -7.26
C GLY A 450 -12.90 -36.18 -6.16
N LEU A 451 -13.60 -37.26 -6.56
CA LEU A 451 -14.37 -38.03 -5.61
C LEU A 451 -13.45 -38.66 -4.58
N ASP A 452 -12.31 -39.21 -5.03
CA ASP A 452 -11.30 -39.71 -4.12
C ASP A 452 -10.97 -38.69 -3.03
N LYS A 453 -10.74 -37.44 -3.45
CA LYS A 453 -10.30 -36.43 -2.51
C LYS A 453 -11.43 -36.08 -1.53
N ILE A 454 -12.68 -35.97 -2.01
CA ILE A 454 -13.79 -35.60 -1.16
C ILE A 454 -14.05 -36.71 -0.14
N GLU A 455 -13.89 -37.99 -0.54
CA GLU A 455 -14.03 -39.12 0.38
C GLU A 455 -13.06 -38.98 1.56
N ALA A 456 -11.76 -38.80 1.26
CA ALA A 456 -10.73 -38.57 2.26
C ALA A 456 -11.15 -37.47 3.24
N LEU A 457 -11.74 -36.39 2.74
CA LEU A 457 -12.06 -35.22 3.56
C LEU A 457 -13.19 -35.52 4.56
N GLN A 458 -13.97 -36.58 4.35
CA GLN A 458 -14.90 -37.05 5.38
C GLN A 458 -14.13 -37.51 6.62
N ARG A 459 -12.84 -37.88 6.43
CA ARG A 459 -11.95 -38.31 7.51
C ARG A 459 -10.99 -37.18 7.89
N HIS A 460 -11.38 -35.92 7.68
CA HIS A 460 -10.54 -34.77 7.98
C HIS A 460 -10.89 -34.27 9.38
N GLU A 461 -9.89 -33.64 10.03
CA GLU A 461 -9.99 -33.12 11.38
C GLU A 461 -11.12 -32.09 11.48
N ASN A 462 -11.08 -31.06 10.62
CA ASN A 462 -12.00 -29.93 10.74
C ASN A 462 -13.44 -30.42 10.63
N GLU A 463 -14.31 -29.89 11.50
CA GLU A 463 -15.70 -30.29 11.54
C GLU A 463 -16.41 -29.94 10.23
N SER A 464 -16.31 -28.66 9.80
CA SER A 464 -16.97 -28.18 8.59
C SER A 464 -16.55 -29.00 7.39
N VAL A 465 -15.25 -29.28 7.30
CA VAL A 465 -14.70 -30.05 6.20
C VAL A 465 -15.38 -31.41 6.12
N TYR A 466 -15.32 -32.19 7.21
CA TYR A 466 -15.81 -33.57 7.18
C TYR A 466 -17.32 -33.55 6.90
N LYS A 467 -18.02 -32.54 7.44
CA LYS A 467 -19.46 -32.45 7.27
C LYS A 467 -19.84 -32.12 5.82
N ALA A 468 -19.26 -31.04 5.27
CA ALA A 468 -19.54 -30.61 3.91
C ALA A 468 -19.20 -31.73 2.93
N SER A 469 -18.06 -32.39 3.15
CA SER A 469 -17.64 -33.51 2.32
C SER A 469 -18.69 -34.63 2.37
N LEU A 470 -19.05 -35.06 3.60
CA LEU A 470 -20.03 -36.11 3.81
C LEU A 470 -21.33 -35.78 3.10
N ASN A 471 -21.81 -34.54 3.26
CA ASN A 471 -23.03 -34.09 2.60
C ASN A 471 -22.92 -34.29 1.07
N LEU A 472 -21.78 -33.92 0.47
CA LEU A 472 -21.62 -33.99 -0.97
C LEU A 472 -21.72 -35.45 -1.40
N ILE A 473 -20.95 -36.33 -0.72
CA ILE A 473 -20.96 -37.76 -1.01
C ILE A 473 -22.39 -38.31 -0.89
N GLU A 474 -23.00 -38.01 0.26
CA GLU A 474 -24.34 -38.46 0.56
C GLU A 474 -25.33 -37.93 -0.45
N LYS A 475 -25.11 -36.72 -0.96
CA LYS A 475 -26.15 -36.07 -1.74
C LYS A 475 -25.96 -36.33 -3.23
N TYR A 476 -24.72 -36.58 -3.67
CA TYR A 476 -24.44 -36.59 -5.10
C TYR A 476 -23.64 -37.83 -5.53
N PHE A 477 -23.01 -38.51 -4.56
CA PHE A 477 -22.21 -39.68 -4.89
C PHE A 477 -22.72 -40.90 -4.11
N GLU B 1 10.03 3.69 1.14
CA GLU B 1 9.84 3.11 2.49
C GLU B 1 9.05 4.10 3.35
N VAL B 2 8.86 3.78 4.61
CA VAL B 2 8.15 4.70 5.47
C VAL B 2 9.08 5.78 6.03
N LYS B 3 10.30 5.41 6.41
CA LYS B 3 11.30 6.36 6.87
C LYS B 3 12.51 6.24 5.96
N LYS B 4 13.24 7.34 5.77
CA LYS B 4 14.43 7.27 4.95
C LYS B 4 15.46 8.29 5.41
N PRO B 5 16.73 7.87 5.45
CA PRO B 5 17.82 8.75 5.83
C PRO B 5 18.27 9.47 4.56
N LYS B 6 18.78 10.68 4.72
CA LYS B 6 19.46 11.37 3.66
C LYS B 6 20.95 11.03 3.71
N ILE B 7 21.42 10.43 2.62
CA ILE B 7 22.78 9.94 2.51
C ILE B 7 23.68 10.95 1.81
N ASP B 8 23.17 11.74 0.85
CA ASP B 8 24.07 12.66 0.13
C ASP B 8 23.37 13.92 -0.36
N GLU B 9 24.20 14.93 -0.70
CA GLU B 9 23.81 16.20 -1.30
C GLU B 9 24.96 17.20 -1.12
N LYS C 3 -16.76 -9.49 0.58
CA LYS C 3 -15.78 -8.38 0.42
C LYS C 3 -15.12 -8.07 1.77
C1 GOL D . 13.91 31.11 9.69
O1 GOL D . 14.17 30.29 10.82
C2 GOL D . 14.03 30.39 8.36
O2 GOL D . 12.96 30.88 7.56
C3 GOL D . 15.36 30.61 7.64
O3 GOL D . 15.76 29.53 6.79
C1 GOL E . -22.86 -16.40 -18.81
O1 GOL E . -23.96 -15.63 -18.32
C2 GOL E . -22.85 -16.38 -20.32
O2 GOL E . -22.28 -15.15 -20.77
C3 GOL E . -22.18 -17.59 -20.93
O3 GOL E . -21.14 -17.23 -21.86
C1 GOL F . 38.97 18.53 13.80
O1 GOL F . 38.74 19.41 14.90
C2 GOL F . 39.21 17.10 14.26
O2 GOL F . 38.32 16.80 15.34
C3 GOL F . 39.08 16.10 13.11
O3 GOL F . 38.97 14.75 13.54
C1 GOL G . -0.48 12.57 -17.09
O1 GOL G . -1.26 13.73 -16.77
C2 GOL G . -1.04 11.31 -16.44
O2 GOL G . -2.25 10.94 -17.11
C3 GOL G . -0.07 10.13 -16.42
O3 GOL G . 1.25 10.53 -16.08
S1 DTT H . 6.21 5.06 -0.33
C1 DTT H . 5.78 3.36 0.12
C2 DTT H . 6.95 2.38 0.24
O2 DTT H . 7.45 2.08 -1.04
C3 DTT H . 6.65 1.04 0.97
O3 DTT H . 6.76 1.24 2.37
C4 DTT H . 5.33 0.41 0.61
S4 DTT H . 3.94 0.75 1.72
#